data_4IGO
#
_entry.id   4IGO
#
_cell.length_a   90.518
_cell.length_b   90.518
_cell.length_c   76.048
_cell.angle_alpha   90.00
_cell.angle_beta   90.00
_cell.angle_gamma   120.00
#
_symmetry.space_group_name_H-M   'P 63'
#
loop_
_entity.id
_entity.type
_entity.pdbx_description
1 polymer 'Os05g0196500 protein'
2 non-polymer 'FE (III) ION'
3 non-polymer '2-OXOGLUTARIC ACID'
4 water water
#
_entity_poly.entity_id   1
_entity_poly.type   'polypeptide(L)'
_entity_poly.pdbx_seq_one_letter_code
;AKWNPAGARRPVLDEAPVFYPTEEEFEDTLKYIESIRPMAEPYGICRIVPPSSWKPPCLLKDKSIWEGSKFSTRVQKVDK
LQNRKSSKKGRRGGMMKRRKLAESEENSATAHTQTGMQQSPERFGFEPGPEFTLQTFQKYADDFSKQYFRKDTSMDSVPS
VEDIEGEYWRIVEVPTEEIEVIYGADLETGTFGSGFPKLSPETKSDAEDKYAQSGWNLNNLPRLQGSVLSFEGGDISGVL
VPWVYVGMCFSSFCWHVEDHHLYSLNYMHWGAPKLWYGVPGKDAVNLESAMRKHLPELFEEQPDLLHNLVTQFSPSLLKS
EGVHVYRCVQHEGEFVLTFPRAYHAGFNCGFNCAEAVNVA
;
_entity_poly.pdbx_strand_id   A
#
loop_
_chem_comp.id
_chem_comp.type
_chem_comp.name
_chem_comp.formula
AKG non-polymer '2-OXOGLUTARIC ACID' 'C5 H6 O5'
FE non-polymer 'FE (III) ION' 'Fe 3'
#
# COMPACT_ATOMS: atom_id res chain seq x y z
N ALA A 1 10.15 19.37 -4.79
CA ALA A 1 11.49 19.88 -4.59
C ALA A 1 12.51 18.87 -5.08
N LYS A 2 13.36 18.39 -4.17
CA LYS A 2 14.39 17.43 -4.52
C LYS A 2 14.79 16.45 -3.40
N TRP A 3 15.13 15.24 -3.84
CA TRP A 3 15.78 14.19 -3.06
C TRP A 3 16.82 14.67 -2.04
N ASN A 4 17.00 13.94 -0.95
CA ASN A 4 18.10 14.23 -0.02
C ASN A 4 18.66 12.94 0.58
N PRO A 5 19.61 12.29 -0.14
CA PRO A 5 20.07 10.92 0.16
C PRO A 5 20.60 10.74 1.57
N ALA A 6 21.27 11.77 2.10
CA ALA A 6 21.86 11.68 3.41
C ALA A 6 20.85 11.88 4.56
N GLY A 7 19.65 12.37 4.25
CA GLY A 7 18.60 12.50 5.24
C GLY A 7 17.65 11.32 5.32
N ALA A 8 17.98 10.26 4.58
CA ALA A 8 17.14 9.07 4.49
C ALA A 8 16.76 8.55 5.87
N ARG A 9 15.48 8.30 6.10
CA ARG A 9 15.04 7.70 7.36
C ARG A 9 14.34 6.39 7.09
N ARG A 10 15.09 5.44 6.54
CA ARG A 10 14.57 4.14 6.15
C ARG A 10 14.33 3.24 7.35
N PRO A 11 13.12 2.69 7.45
CA PRO A 11 12.78 1.81 8.55
C PRO A 11 13.61 0.53 8.48
N VAL A 12 14.09 0.10 9.62
CA VAL A 12 14.83 -1.15 9.75
C VAL A 12 13.86 -2.17 10.32
N LEU A 13 13.40 -3.07 9.46
CA LEU A 13 12.29 -3.96 9.75
C LEU A 13 12.54 -5.36 9.28
N ASP A 14 11.87 -6.32 9.90
CA ASP A 14 11.83 -7.68 9.37
C ASP A 14 10.97 -7.73 8.11
N GLU A 15 11.34 -8.64 7.21
CA GLU A 15 10.56 -8.91 6.03
C GLU A 15 9.34 -9.77 6.36
N ALA A 16 8.21 -9.47 5.74
CA ALA A 16 7.04 -10.32 5.83
C ALA A 16 7.30 -11.61 5.05
N PRO A 17 6.54 -12.68 5.34
CA PRO A 17 6.87 -13.91 4.62
C PRO A 17 6.44 -13.87 3.15
N VAL A 18 7.20 -14.59 2.34
CA VAL A 18 6.92 -14.71 0.93
C VAL A 18 6.51 -16.14 0.63
N PHE A 19 5.55 -16.31 -0.26
CA PHE A 19 5.06 -17.63 -0.60
C PHE A 19 5.17 -17.88 -2.07
N TYR A 20 5.72 -19.03 -2.43
CA TYR A 20 5.86 -19.40 -3.83
C TYR A 20 5.05 -20.64 -4.14
N PRO A 21 3.72 -20.50 -4.22
CA PRO A 21 2.86 -21.65 -4.52
C PRO A 21 3.28 -22.37 -5.79
N THR A 22 3.11 -23.69 -5.78
CA THR A 22 3.25 -24.53 -6.97
C THR A 22 1.98 -24.45 -7.80
N GLU A 23 2.05 -24.95 -9.03
CA GLU A 23 0.92 -24.93 -9.94
C GLU A 23 -0.31 -25.62 -9.36
N GLU A 24 -0.10 -26.76 -8.73
CA GLU A 24 -1.18 -27.46 -8.04
C GLU A 24 -1.84 -26.53 -7.01
N GLU A 25 -1.09 -26.15 -5.97
CA GLU A 25 -1.62 -25.29 -4.92
C GLU A 25 -2.33 -24.07 -5.47
N PHE A 26 -1.87 -23.61 -6.64
CA PHE A 26 -2.36 -22.38 -7.22
C PHE A 26 -3.74 -22.51 -7.90
N GLU A 27 -4.24 -23.73 -8.05
CA GLU A 27 -5.50 -23.86 -8.76
C GLU A 27 -6.71 -23.55 -7.87
N ASP A 28 -6.48 -23.48 -6.56
CA ASP A 28 -7.54 -23.03 -5.66
C ASP A 28 -7.08 -21.94 -4.68
N THR A 29 -7.40 -20.72 -5.05
CA THR A 29 -7.05 -19.55 -4.27
C THR A 29 -7.46 -19.69 -2.81
N LEU A 30 -8.77 -19.84 -2.58
CA LEU A 30 -9.28 -19.92 -1.22
C LEU A 30 -8.57 -20.99 -0.38
N LYS A 31 -8.28 -22.12 -1.00
CA LYS A 31 -7.64 -23.23 -0.30
C LYS A 31 -6.19 -22.92 0.04
N TYR A 32 -5.44 -22.50 -0.97
CA TYR A 32 -4.05 -22.13 -0.74
C TYR A 32 -3.99 -21.12 0.39
N ILE A 33 -4.92 -20.18 0.36
CA ILE A 33 -4.95 -19.17 1.39
C ILE A 33 -5.11 -19.81 2.75
N GLU A 34 -6.09 -20.69 2.89
CA GLU A 34 -6.28 -21.33 4.18
C GLU A 34 -5.01 -22.04 4.59
N SER A 35 -4.36 -22.66 3.61
CA SER A 35 -3.17 -23.43 3.87
C SER A 35 -1.99 -22.61 4.39
N ILE A 36 -1.78 -21.40 3.86
CA ILE A 36 -0.65 -20.61 4.33
C ILE A 36 -0.99 -19.83 5.59
N ARG A 37 -2.28 -19.76 5.89
CA ARG A 37 -2.78 -18.94 6.98
C ARG A 37 -2.04 -19.15 8.30
N PRO A 38 -1.74 -20.41 8.64
CA PRO A 38 -1.16 -20.58 9.97
C PRO A 38 0.24 -19.99 10.09
N MET A 39 1.00 -20.03 9.00
CA MET A 39 2.34 -19.48 9.03
C MET A 39 2.36 -17.97 8.77
N ALA A 40 1.44 -17.49 7.95
CA ALA A 40 1.40 -16.09 7.55
C ALA A 40 0.66 -15.23 8.57
N GLU A 41 -0.41 -15.78 9.13
CA GLU A 41 -1.25 -15.05 10.08
C GLU A 41 -0.47 -14.25 11.12
N PRO A 42 0.56 -14.84 11.71
CA PRO A 42 1.28 -14.08 12.75
C PRO A 42 2.02 -12.80 12.25
N TYR A 43 2.02 -12.55 10.94
CA TYR A 43 2.69 -11.36 10.45
C TYR A 43 1.70 -10.31 9.98
N GLY A 44 0.42 -10.70 9.89
CA GLY A 44 -0.62 -9.80 9.41
C GLY A 44 -0.57 -9.51 7.93
N ILE A 45 0.56 -9.79 7.30
CA ILE A 45 0.67 -9.61 5.86
C ILE A 45 1.61 -10.63 5.28
N CYS A 46 1.40 -10.97 4.02
CA CYS A 46 2.35 -11.81 3.33
C CYS A 46 2.31 -11.52 1.83
N ARG A 47 3.36 -11.90 1.14
CA ARG A 47 3.43 -11.73 -0.28
C ARG A 47 3.39 -13.07 -0.96
N ILE A 48 2.71 -13.13 -2.10
CA ILE A 48 2.57 -14.36 -2.85
C ILE A 48 2.96 -14.19 -4.33
N VAL A 49 4.01 -14.93 -4.71
CA VAL A 49 4.50 -14.93 -6.07
C VAL A 49 3.88 -16.09 -6.84
N PRO A 50 3.14 -15.78 -7.92
CA PRO A 50 2.52 -16.83 -8.72
C PRO A 50 3.58 -17.66 -9.41
N PRO A 51 3.27 -18.93 -9.72
CA PRO A 51 4.14 -19.85 -10.47
C PRO A 51 4.27 -19.45 -11.93
N SER A 52 5.23 -20.06 -12.62
CA SER A 52 5.58 -19.71 -13.99
C SER A 52 4.39 -19.80 -14.93
N SER A 53 3.62 -20.87 -14.77
CA SER A 53 2.40 -21.05 -15.54
C SER A 53 1.65 -19.75 -15.61
N TRP A 54 1.26 -19.26 -14.44
CA TRP A 54 0.32 -18.17 -14.33
C TRP A 54 0.74 -16.95 -15.12
N LYS A 55 -0.11 -16.63 -16.09
CA LYS A 55 -0.04 -15.37 -16.81
C LYS A 55 -1.32 -14.64 -16.50
N PRO A 56 -1.22 -13.32 -16.32
CA PRO A 56 -2.36 -12.44 -16.11
C PRO A 56 -3.09 -12.16 -17.43
N ASP A 62 -4.17 -2.78 -23.76
CA ASP A 62 -5.16 -2.38 -24.76
C ASP A 62 -5.14 -0.87 -25.01
N LYS A 63 -4.94 -0.49 -26.27
CA LYS A 63 -4.79 0.89 -26.67
C LYS A 63 -6.14 1.57 -26.93
N SER A 64 -6.69 2.16 -25.88
CA SER A 64 -7.95 2.90 -25.97
C SER A 64 -8.59 2.79 -24.61
N ILE A 65 -8.07 1.87 -23.82
CA ILE A 65 -8.27 1.94 -22.39
C ILE A 65 -7.14 2.82 -21.92
N TRP A 66 -5.93 2.38 -22.23
CA TRP A 66 -4.73 3.11 -21.90
C TRP A 66 -4.87 4.56 -22.34
N GLU A 67 -5.40 4.74 -23.55
CA GLU A 67 -5.45 6.07 -24.15
C GLU A 67 -6.77 6.78 -23.88
N GLY A 68 -7.83 6.01 -23.63
CA GLY A 68 -9.16 6.58 -23.62
C GLY A 68 -9.91 6.60 -22.31
N SER A 69 -9.82 5.53 -21.54
CA SER A 69 -10.60 5.42 -20.31
C SER A 69 -10.06 6.38 -19.25
N LYS A 70 -10.97 7.15 -18.67
CA LYS A 70 -10.61 8.25 -17.81
C LYS A 70 -10.93 7.94 -16.38
N PHE A 71 -10.18 8.54 -15.47
CA PHE A 71 -10.41 8.39 -14.03
C PHE A 71 -9.97 9.65 -13.34
N SER A 72 -10.50 9.89 -12.14
CA SER A 72 -10.11 11.06 -11.36
C SER A 72 -9.16 10.70 -10.22
N THR A 73 -8.56 11.73 -9.64
CA THR A 73 -7.52 11.51 -8.66
C THR A 73 -7.73 12.34 -7.42
N ARG A 74 -6.99 12.02 -6.38
CA ARG A 74 -7.01 12.79 -5.17
C ARG A 74 -5.59 13.29 -4.97
N VAL A 75 -5.46 14.39 -4.27
CA VAL A 75 -4.16 14.99 -4.03
C VAL A 75 -3.73 14.70 -2.60
N GLN A 76 -2.46 14.38 -2.43
CA GLN A 76 -1.92 14.03 -1.13
C GLN A 76 -0.74 14.92 -0.83
N LYS A 77 -0.78 15.56 0.33
CA LYS A 77 0.37 16.34 0.79
C LYS A 77 1.24 15.45 1.65
N VAL A 78 2.23 14.81 1.03
CA VAL A 78 3.05 13.81 1.71
C VAL A 78 3.70 14.35 2.99
N ASP A 79 4.15 15.60 2.96
CA ASP A 79 4.78 16.21 4.12
C ASP A 79 3.81 16.41 5.29
N LYS A 80 2.52 16.19 5.05
CA LYS A 80 1.54 16.41 6.12
C LYS A 80 0.74 15.17 6.55
N LEU A 81 1.21 13.99 6.14
CA LEU A 81 0.52 12.73 6.46
C LEU A 81 0.65 12.27 7.92
N GLN A 82 1.72 12.67 8.60
CA GLN A 82 1.89 12.30 10.00
C GLN A 82 1.98 13.55 10.87
N ASN A 83 2.72 14.55 10.41
CA ASN A 83 2.89 15.78 11.18
C ASN A 83 2.04 16.92 10.63
N ARG A 84 1.02 17.32 11.39
CA ARG A 84 0.19 18.47 11.04
C ARG A 84 -0.57 19.02 12.25
N LYS A 85 -0.87 20.31 12.25
CA LYS A 85 -1.62 20.91 13.34
C LYS A 85 -3.14 20.70 13.21
N PHE A 124 -10.00 18.05 5.12
CA PHE A 124 -9.23 17.48 6.21
C PHE A 124 -8.52 16.18 5.78
N GLY A 125 -8.22 16.11 4.49
CA GLY A 125 -7.54 14.98 3.89
C GLY A 125 -7.21 15.22 2.42
N PHE A 126 -7.76 14.37 1.55
CA PHE A 126 -7.31 14.36 0.16
C PHE A 126 -8.29 15.00 -0.81
N GLU A 127 -8.00 16.25 -1.12
CA GLU A 127 -8.80 17.05 -2.03
C GLU A 127 -8.78 16.40 -3.41
N PRO A 128 -9.76 16.73 -4.22
CA PRO A 128 -9.81 16.17 -5.58
C PRO A 128 -8.68 16.73 -6.43
N GLY A 129 -8.28 15.94 -7.42
CA GLY A 129 -7.30 16.38 -8.39
C GLY A 129 -7.84 16.26 -9.79
N PRO A 130 -6.98 16.48 -10.78
CA PRO A 130 -7.34 16.47 -12.19
C PRO A 130 -7.78 15.10 -12.65
N GLU A 131 -8.41 15.06 -13.81
CA GLU A 131 -8.76 13.81 -14.47
C GLU A 131 -7.64 13.38 -15.39
N PHE A 132 -7.37 12.08 -15.42
CA PHE A 132 -6.33 11.56 -16.31
C PHE A 132 -6.78 10.35 -17.08
N THR A 133 -5.94 9.94 -18.01
CA THR A 133 -5.94 8.59 -18.52
C THR A 133 -4.63 7.99 -18.06
N LEU A 134 -4.55 6.67 -18.09
CA LEU A 134 -3.30 5.98 -17.81
C LEU A 134 -2.13 6.61 -18.55
N GLN A 135 -2.31 6.83 -19.85
CA GLN A 135 -1.25 7.41 -20.64
C GLN A 135 -0.77 8.74 -20.04
N THR A 136 -1.71 9.64 -19.79
CA THR A 136 -1.36 10.97 -19.30
C THR A 136 -0.87 10.93 -17.86
N PHE A 137 -1.52 10.13 -17.02
CA PHE A 137 -1.05 9.95 -15.63
C PHE A 137 0.42 9.50 -15.63
N GLN A 138 0.77 8.57 -16.51
CA GLN A 138 2.12 8.07 -16.54
C GLN A 138 3.11 9.17 -16.91
N LYS A 139 2.81 9.93 -17.93
CA LYS A 139 3.72 10.99 -18.33
C LYS A 139 3.90 11.97 -17.16
N TYR A 140 2.82 12.27 -16.46
CA TYR A 140 2.90 13.15 -15.30
C TYR A 140 3.71 12.52 -14.16
N ALA A 141 3.45 11.24 -13.92
CA ALA A 141 4.08 10.51 -12.84
C ALA A 141 5.59 10.39 -13.08
N ASP A 142 5.95 9.97 -14.28
CA ASP A 142 7.35 9.77 -14.62
C ASP A 142 8.15 11.05 -14.50
N ASP A 143 7.52 12.16 -14.88
CA ASP A 143 8.21 13.44 -14.83
C ASP A 143 8.39 13.90 -13.41
N PHE A 144 7.37 13.71 -12.59
CA PHE A 144 7.55 14.01 -11.18
C PHE A 144 8.83 13.35 -10.64
N SER A 145 8.97 12.04 -10.88
CA SER A 145 10.09 11.27 -10.33
C SER A 145 11.42 11.70 -10.90
N LYS A 146 11.42 11.91 -12.20
CA LYS A 146 12.65 12.17 -12.92
C LYS A 146 13.26 13.43 -12.33
N GLN A 147 12.40 14.40 -12.06
CA GLN A 147 12.80 15.69 -11.50
C GLN A 147 13.16 15.64 -10.03
N TYR A 148 12.35 14.93 -9.25
CA TYR A 148 12.59 14.84 -7.82
C TYR A 148 13.95 14.20 -7.53
N PHE A 149 14.39 13.28 -8.37
CA PHE A 149 15.60 12.50 -8.10
C PHE A 149 16.77 12.83 -9.03
N VAL A 158 18.40 6.98 -11.51
CA VAL A 158 17.26 6.15 -11.13
C VAL A 158 17.48 5.47 -9.77
N PRO A 159 16.74 5.91 -8.76
CA PRO A 159 16.90 5.45 -7.37
C PRO A 159 16.44 4.00 -7.15
N SER A 160 17.06 3.29 -6.21
CA SER A 160 16.54 2.00 -5.77
C SER A 160 15.30 2.18 -4.88
N VAL A 161 14.60 1.08 -4.64
CA VAL A 161 13.46 1.04 -3.74
C VAL A 161 13.83 1.55 -2.34
N GLU A 162 14.98 1.16 -1.85
CA GLU A 162 15.43 1.64 -0.55
C GLU A 162 15.79 3.11 -0.59
N ASP A 163 16.36 3.57 -1.69
CA ASP A 163 16.49 5.00 -1.92
C ASP A 163 15.14 5.68 -1.78
N ILE A 164 14.15 5.23 -2.52
CA ILE A 164 12.84 5.85 -2.48
C ILE A 164 12.22 5.75 -1.07
N GLU A 165 12.31 4.57 -0.47
CA GLU A 165 11.74 4.32 0.86
C GLU A 165 12.35 5.23 1.92
N GLY A 166 13.67 5.42 1.83
CA GLY A 166 14.38 6.26 2.78
C GLY A 166 13.94 7.71 2.63
N GLU A 167 13.75 8.14 1.39
CA GLU A 167 13.29 9.49 1.13
C GLU A 167 11.82 9.66 1.54
N TYR A 168 11.01 8.64 1.28
CA TYR A 168 9.59 8.73 1.59
C TYR A 168 9.37 9.04 3.06
N TRP A 169 10.02 8.28 3.93
CA TRP A 169 9.89 8.47 5.38
C TRP A 169 10.57 9.73 5.83
N ARG A 170 11.60 10.16 5.11
CA ARG A 170 12.19 11.45 5.43
C ARG A 170 11.11 12.49 5.24
N ILE A 171 10.34 12.37 4.16
CA ILE A 171 9.36 13.39 3.83
C ILE A 171 8.23 13.41 4.86
N VAL A 172 7.86 12.26 5.38
CA VAL A 172 6.79 12.26 6.36
C VAL A 172 7.25 12.52 7.80
N GLU A 173 8.45 12.10 8.17
CA GLU A 173 8.92 12.29 9.53
C GLU A 173 9.55 13.67 9.75
N VAL A 174 10.24 14.15 8.72
CA VAL A 174 11.06 15.35 8.85
C VAL A 174 11.07 16.13 7.55
N PRO A 175 9.90 16.57 7.09
CA PRO A 175 9.86 17.24 5.79
C PRO A 175 10.57 18.60 5.83
N THR A 176 11.20 18.93 4.70
CA THR A 176 11.89 20.19 4.57
C THR A 176 11.22 21.10 3.51
N GLU A 177 10.20 20.57 2.85
CA GLU A 177 9.56 21.23 1.73
C GLU A 177 8.17 20.62 1.56
N GLU A 178 7.20 21.40 1.10
CA GLU A 178 5.90 20.84 0.73
C GLU A 178 6.05 19.99 -0.51
N ILE A 179 5.37 18.85 -0.51
CA ILE A 179 5.50 17.89 -1.59
C ILE A 179 4.17 17.22 -1.82
N GLU A 180 3.60 17.45 -2.99
CA GLU A 180 2.32 16.82 -3.27
C GLU A 180 2.30 15.85 -4.47
N VAL A 181 1.28 15.02 -4.47
CA VAL A 181 1.31 13.80 -5.23
C VAL A 181 -0.13 13.44 -5.51
N ILE A 182 -0.36 12.62 -6.51
CA ILE A 182 -1.72 12.37 -6.96
C ILE A 182 -1.92 10.88 -7.08
N TYR A 183 -3.15 10.43 -6.91
CA TYR A 183 -3.42 9.02 -7.14
C TYR A 183 -4.88 8.83 -7.48
N GLY A 184 -5.18 7.74 -8.19
CA GLY A 184 -6.53 7.39 -8.52
C GLY A 184 -6.87 6.20 -7.65
N ALA A 185 -8.01 6.24 -6.97
CA ALA A 185 -8.38 5.12 -6.11
C ALA A 185 -9.84 4.74 -6.24
N ASP A 186 -10.15 3.46 -6.02
CA ASP A 186 -11.52 2.98 -6.08
C ASP A 186 -12.09 3.16 -7.48
N LEU A 187 -11.32 2.81 -8.50
CA LEU A 187 -11.82 2.91 -9.86
C LEU A 187 -12.37 1.57 -10.30
N ALA A 212 -8.61 -19.16 -13.70
CA ALA A 212 -8.90 -18.51 -14.98
C ALA A 212 -10.05 -17.49 -14.89
N GLN A 213 -11.16 -17.85 -14.26
CA GLN A 213 -11.37 -19.18 -13.65
C GLN A 213 -10.97 -19.53 -12.22
N SER A 214 -9.96 -18.83 -11.69
CA SER A 214 -9.46 -19.10 -10.36
C SER A 214 -9.78 -17.79 -9.66
N GLY A 215 -9.63 -17.78 -8.34
CA GLY A 215 -9.89 -16.61 -7.53
C GLY A 215 -8.79 -15.57 -7.67
N TRP A 216 -7.66 -15.96 -8.25
CA TRP A 216 -6.55 -15.03 -8.45
C TRP A 216 -6.95 -13.95 -9.42
N ASN A 217 -7.86 -14.27 -10.33
CA ASN A 217 -8.52 -13.25 -11.12
C ASN A 217 -9.60 -12.69 -10.22
N LEU A 218 -9.32 -11.54 -9.64
CA LEU A 218 -10.06 -11.05 -8.49
C LEU A 218 -11.53 -10.84 -8.75
N ASN A 219 -11.91 -10.73 -10.02
CA ASN A 219 -13.30 -10.57 -10.39
C ASN A 219 -14.15 -11.80 -10.10
N ASN A 220 -13.50 -12.92 -9.76
CA ASN A 220 -14.18 -14.18 -9.54
C ASN A 220 -14.33 -14.54 -8.08
N LEU A 221 -13.68 -13.75 -7.22
CA LEU A 221 -13.58 -14.10 -5.80
C LEU A 221 -14.83 -13.84 -4.97
N PRO A 222 -15.51 -12.70 -5.20
CA PRO A 222 -16.78 -12.50 -4.50
C PRO A 222 -17.70 -13.72 -4.63
N ARG A 223 -17.64 -14.41 -5.77
CA ARG A 223 -18.41 -15.64 -5.97
C ARG A 223 -18.07 -16.68 -4.92
N LEU A 224 -16.91 -17.29 -5.10
CA LEU A 224 -16.48 -18.47 -4.35
C LEU A 224 -16.28 -18.21 -2.86
N LEU A 240 -19.35 -7.02 -2.36
CA LEU A 240 -17.89 -6.90 -2.43
C LEU A 240 -17.38 -7.15 -3.84
N VAL A 241 -16.67 -6.16 -4.37
CA VAL A 241 -16.24 -6.22 -5.74
C VAL A 241 -14.81 -5.68 -5.82
N PRO A 242 -14.03 -6.11 -6.84
CA PRO A 242 -12.66 -5.66 -7.04
C PRO A 242 -12.55 -4.15 -7.30
N TRP A 243 -11.59 -3.49 -6.66
CA TRP A 243 -11.35 -2.05 -6.89
C TRP A 243 -9.97 -1.82 -7.49
N VAL A 244 -9.84 -0.76 -8.29
CA VAL A 244 -8.59 -0.47 -8.98
C VAL A 244 -7.87 0.79 -8.48
N TYR A 245 -6.53 0.73 -8.45
CA TYR A 245 -5.71 1.79 -7.88
C TYR A 245 -4.55 2.19 -8.76
N VAL A 246 -4.47 3.48 -9.06
CA VAL A 246 -3.38 4.00 -9.86
C VAL A 246 -2.52 4.84 -8.98
N GLY A 247 -1.27 4.45 -8.86
CA GLY A 247 -0.37 5.13 -7.94
C GLY A 247 0.79 5.74 -8.66
N MET A 248 1.48 6.65 -7.98
CA MET A 248 2.73 7.20 -8.48
C MET A 248 3.70 7.27 -7.31
N CYS A 249 4.96 7.60 -7.60
CA CYS A 249 5.96 7.71 -6.56
C CYS A 249 5.45 8.53 -5.37
N PHE A 250 5.58 7.97 -4.18
CA PHE A 250 5.11 8.61 -2.93
C PHE A 250 3.59 8.56 -2.65
N SER A 251 2.74 8.28 -3.63
CA SER A 251 1.33 8.19 -3.28
C SER A 251 1.12 7.05 -2.27
N SER A 252 0.19 7.25 -1.35
CA SER A 252 0.15 6.47 -0.13
C SER A 252 -1.22 5.87 0.14
N PHE A 253 -1.22 4.71 0.79
CA PHE A 253 -2.42 4.22 1.46
C PHE A 253 -2.06 4.18 2.94
N CYS A 254 -2.74 4.99 3.73
CA CYS A 254 -2.36 5.22 5.13
C CYS A 254 -2.92 4.13 6.02
N TRP A 255 -2.38 4.02 7.24
CA TRP A 255 -2.72 2.94 8.16
C TRP A 255 -4.23 2.69 8.31
N HIS A 256 -4.62 1.43 8.17
CA HIS A 256 -5.99 1.03 8.53
C HIS A 256 -6.16 -0.50 8.61
N VAL A 257 -7.34 -0.90 9.07
CA VAL A 257 -7.77 -2.30 9.07
C VAL A 257 -8.97 -2.47 8.16
N GLU A 258 -9.04 -3.57 7.44
CA GLU A 258 -10.15 -3.79 6.50
C GLU A 258 -11.53 -3.78 7.17
N ASP A 259 -12.52 -3.36 6.40
CA ASP A 259 -13.88 -3.10 6.88
C ASP A 259 -14.35 -3.96 8.06
N HIS A 260 -14.41 -5.27 7.86
CA HIS A 260 -14.88 -6.15 8.92
C HIS A 260 -13.73 -6.96 9.47
N HIS A 261 -13.85 -8.28 9.45
CA HIS A 261 -12.68 -9.07 9.77
C HIS A 261 -12.12 -9.59 8.47
N LEU A 262 -12.31 -8.80 7.42
CA LEU A 262 -12.01 -9.21 6.08
C LEU A 262 -10.52 -9.25 5.78
N TYR A 263 -10.13 -10.17 4.90
CA TYR A 263 -8.82 -10.14 4.29
C TYR A 263 -8.97 -9.12 3.20
N SER A 264 -7.86 -8.82 2.54
CA SER A 264 -7.89 -8.22 1.21
C SER A 264 -6.81 -8.90 0.38
N LEU A 265 -7.11 -9.15 -0.88
CA LEU A 265 -6.11 -9.70 -1.78
C LEU A 265 -5.75 -8.66 -2.84
N ASN A 266 -4.46 -8.42 -3.04
CA ASN A 266 -4.00 -7.34 -3.91
C ASN A 266 -3.06 -7.81 -5.00
N TYR A 267 -3.38 -7.48 -6.23
CA TYR A 267 -2.54 -7.88 -7.34
C TYR A 267 -2.02 -6.65 -8.04
N MET A 268 -0.77 -6.72 -8.48
CA MET A 268 -0.13 -5.59 -9.10
C MET A 268 -0.05 -5.87 -10.59
N HIS A 269 -0.84 -5.15 -11.36
CA HIS A 269 -0.96 -5.40 -12.79
C HIS A 269 0.29 -5.01 -13.53
N TRP A 270 0.76 -3.81 -13.25
CA TRP A 270 1.90 -3.29 -13.98
C TRP A 270 2.51 -2.13 -13.23
N GLY A 271 3.81 -1.93 -13.41
CA GLY A 271 4.45 -0.70 -12.98
C GLY A 271 5.51 -0.84 -11.91
N ALA A 272 5.69 0.24 -11.16
CA ALA A 272 6.74 0.30 -10.15
C ALA A 272 6.30 -0.40 -8.86
N PRO A 273 7.28 -0.83 -8.05
CA PRO A 273 6.99 -1.59 -6.82
C PRO A 273 6.10 -0.83 -5.83
N LYS A 274 5.33 -1.59 -5.05
CA LYS A 274 4.53 -1.06 -3.97
C LYS A 274 5.10 -1.60 -2.65
N LEU A 275 5.44 -0.69 -1.73
CA LEU A 275 6.01 -1.02 -0.43
C LEU A 275 4.84 -1.19 0.53
N TRP A 276 4.83 -2.29 1.29
CA TRP A 276 3.76 -2.51 2.27
C TRP A 276 4.30 -2.61 3.66
N TYR A 277 3.53 -2.14 4.64
CA TYR A 277 3.87 -2.38 6.03
C TYR A 277 2.70 -3.04 6.74
N GLY A 278 2.99 -4.13 7.44
CA GLY A 278 1.96 -4.95 8.06
C GLY A 278 2.18 -5.20 9.53
N VAL A 279 1.08 -5.20 10.28
CA VAL A 279 1.09 -5.42 11.72
C VAL A 279 0.05 -6.50 11.99
N PRO A 280 0.44 -7.55 12.73
CA PRO A 280 -0.44 -8.68 13.08
C PRO A 280 -1.71 -8.24 13.80
N GLY A 281 -2.82 -8.95 13.61
CA GLY A 281 -4.04 -8.68 14.34
C GLY A 281 -3.82 -8.48 15.85
N LYS A 282 -3.06 -9.39 16.45
CA LYS A 282 -2.87 -9.37 17.89
C LYS A 282 -2.13 -8.11 18.35
N ASP A 283 -1.68 -7.31 17.39
CA ASP A 283 -0.95 -6.09 17.72
C ASP A 283 -1.75 -4.82 17.43
N ALA A 284 -2.98 -4.99 16.95
CA ALA A 284 -3.84 -3.84 16.71
C ALA A 284 -3.87 -2.87 17.91
N VAL A 285 -3.90 -3.40 19.12
CA VAL A 285 -3.97 -2.56 20.31
C VAL A 285 -2.73 -1.71 20.47
N ASN A 286 -1.58 -2.34 20.28
CA ASN A 286 -0.31 -1.66 20.45
C ASN A 286 -0.13 -0.51 19.45
N LEU A 287 -0.64 -0.71 18.25
CA LEU A 287 -0.56 0.27 17.18
C LEU A 287 -1.46 1.48 17.45
N GLU A 288 -2.74 1.24 17.73
CA GLU A 288 -3.66 2.33 18.05
C GLU A 288 -3.20 3.09 19.27
N SER A 289 -2.78 2.36 20.30
CA SER A 289 -2.34 3.04 21.50
C SER A 289 -1.03 3.80 21.23
N ALA A 290 -0.18 3.25 20.38
CA ALA A 290 1.06 3.95 20.01
C ALA A 290 0.75 5.26 19.29
N MET A 291 -0.22 5.21 18.38
CA MET A 291 -0.68 6.41 17.68
C MET A 291 -1.33 7.43 18.59
N ARG A 292 -2.27 6.99 19.44
CA ARG A 292 -2.89 7.92 20.38
C ARG A 292 -1.83 8.61 21.23
N LYS A 293 -0.87 7.83 21.70
CA LYS A 293 0.20 8.36 22.54
C LYS A 293 0.99 9.49 21.86
N HIS A 294 1.40 9.27 20.62
CA HIS A 294 2.34 10.16 19.97
C HIS A 294 1.67 11.25 19.16
N LEU A 295 0.44 11.00 18.74
CA LEU A 295 -0.32 11.97 17.96
C LEU A 295 -1.61 12.34 18.68
N PRO A 296 -1.50 12.76 19.95
CA PRO A 296 -2.72 12.99 20.74
C PRO A 296 -3.57 14.11 20.16
N GLU A 297 -2.95 15.24 19.84
CA GLU A 297 -3.62 16.38 19.23
C GLU A 297 -4.68 16.00 18.19
N LEU A 298 -4.29 15.18 17.21
CA LEU A 298 -5.17 14.83 16.10
C LEU A 298 -6.47 14.15 16.56
N PHE A 299 -6.33 13.09 17.32
CA PHE A 299 -7.45 12.31 17.83
C PHE A 299 -8.39 13.27 18.51
N GLU A 300 -7.81 14.24 19.20
CA GLU A 300 -8.59 15.28 19.83
C GLU A 300 -9.45 15.96 18.79
N GLU A 301 -8.85 16.35 17.66
CA GLU A 301 -9.59 17.10 16.65
C GLU A 301 -10.16 16.25 15.52
N GLN A 302 -9.98 14.93 15.64
CA GLN A 302 -10.59 13.97 14.71
C GLN A 302 -10.67 12.62 15.42
N PRO A 303 -11.48 12.54 16.48
CA PRO A 303 -11.46 11.34 17.32
C PRO A 303 -11.57 10.04 16.51
N ASP A 304 -11.94 10.13 15.24
CA ASP A 304 -12.11 8.93 14.43
C ASP A 304 -10.99 8.70 13.39
N LEU A 305 -9.82 9.28 13.63
CA LEU A 305 -8.70 9.12 12.70
C LEU A 305 -8.66 7.74 12.06
N LEU A 306 -8.68 6.73 12.90
CA LEU A 306 -8.37 5.37 12.47
C LEU A 306 -9.29 4.82 11.38
N HIS A 307 -10.36 5.54 11.06
CA HIS A 307 -11.31 5.08 10.04
C HIS A 307 -11.26 6.01 8.84
N ASN A 308 -10.38 7.01 8.91
CA ASN A 308 -10.36 8.09 7.93
C ASN A 308 -9.32 7.95 6.81
N LEU A 309 -8.34 7.06 7.00
CA LEU A 309 -7.36 6.72 5.95
C LEU A 309 -6.49 7.90 5.53
N VAL A 310 -6.11 8.73 6.50
CA VAL A 310 -5.60 10.05 6.20
C VAL A 310 -4.28 10.33 6.94
N THR A 311 -3.80 9.30 7.64
CA THR A 311 -2.66 9.44 8.54
C THR A 311 -1.63 8.32 8.36
N GLN A 312 -0.42 8.72 7.99
CA GLN A 312 0.69 7.78 7.87
C GLN A 312 1.46 7.89 9.17
N PHE A 313 2.06 6.81 9.60
CA PHE A 313 2.71 6.77 10.90
C PHE A 313 3.95 5.92 10.73
N SER A 314 5.08 6.45 11.15
CA SER A 314 6.35 5.82 10.87
C SER A 314 6.49 4.45 11.56
N PRO A 315 6.90 3.43 10.79
CA PRO A 315 7.21 2.11 11.34
C PRO A 315 8.32 2.15 12.40
N SER A 316 9.20 3.13 12.30
CA SER A 316 10.27 3.27 13.28
C SER A 316 9.72 3.70 14.62
N LEU A 317 8.65 4.49 14.59
CA LEU A 317 7.99 4.93 15.81
C LEU A 317 7.20 3.76 16.38
N LEU A 318 6.51 3.04 15.50
CA LEU A 318 5.79 1.85 15.92
C LEU A 318 6.73 0.88 16.64
N LYS A 319 7.84 0.56 15.98
CA LYS A 319 8.88 -0.27 16.55
C LYS A 319 9.34 0.22 17.93
N SER A 320 9.59 1.51 18.08
CA SER A 320 10.02 2.04 19.38
C SER A 320 9.07 1.67 20.50
N GLU A 321 7.79 1.51 20.17
CA GLU A 321 6.77 1.23 21.16
C GLU A 321 6.48 -0.26 21.27
N GLY A 322 7.35 -1.09 20.71
CA GLY A 322 7.16 -2.53 20.80
C GLY A 322 6.19 -3.12 19.79
N VAL A 323 5.76 -2.34 18.80
CA VAL A 323 4.88 -2.89 17.77
C VAL A 323 5.70 -3.62 16.69
N HIS A 324 5.23 -4.79 16.28
CA HIS A 324 5.87 -5.57 15.23
C HIS A 324 5.36 -5.12 13.88
N VAL A 325 6.26 -4.60 13.04
CA VAL A 325 5.89 -4.15 11.70
C VAL A 325 6.72 -4.90 10.67
N TYR A 326 6.05 -5.47 9.66
CA TYR A 326 6.73 -6.27 8.65
C TYR A 326 6.63 -5.64 7.30
N ARG A 327 7.78 -5.52 6.66
CA ARG A 327 7.88 -4.81 5.42
C ARG A 327 7.56 -5.80 4.35
N CYS A 328 6.89 -5.38 3.31
CA CYS A 328 7.02 -6.17 2.09
C CYS A 328 6.94 -5.41 0.76
N VAL A 329 7.67 -5.92 -0.21
CA VAL A 329 7.85 -5.24 -1.48
C VAL A 329 7.13 -6.02 -2.55
N GLN A 330 6.10 -5.41 -3.11
CA GLN A 330 5.28 -6.06 -4.11
C GLN A 330 5.68 -5.53 -5.48
N HIS A 331 6.10 -6.43 -6.35
CA HIS A 331 6.46 -6.06 -7.70
C HIS A 331 5.29 -6.42 -8.58
N GLU A 332 5.38 -5.94 -9.82
CA GLU A 332 4.48 -6.32 -10.89
C GLU A 332 4.29 -7.83 -10.94
N GLY A 333 3.04 -8.28 -11.04
CA GLY A 333 2.75 -9.69 -11.18
C GLY A 333 2.65 -10.49 -9.88
N GLU A 334 2.66 -9.79 -8.74
CA GLU A 334 2.62 -10.46 -7.45
C GLU A 334 1.42 -10.09 -6.60
N PHE A 335 1.04 -10.98 -5.68
CA PHE A 335 -0.04 -10.66 -4.78
C PHE A 335 0.51 -10.27 -3.45
N VAL A 336 -0.26 -9.44 -2.74
CA VAL A 336 -0.02 -9.19 -1.34
C VAL A 336 -1.31 -9.51 -0.62
N LEU A 337 -1.20 -10.31 0.44
CA LEU A 337 -2.35 -10.77 1.18
C LEU A 337 -2.37 -10.15 2.56
N THR A 338 -3.51 -9.54 2.86
CA THR A 338 -3.74 -8.86 4.12
C THR A 338 -4.68 -9.72 4.99
N PHE A 339 -4.33 -9.89 6.25
CA PHE A 339 -5.11 -10.77 7.13
C PHE A 339 -6.13 -9.99 7.95
N PRO A 340 -7.19 -10.68 8.41
CA PRO A 340 -8.25 -10.12 9.25
C PRO A 340 -7.64 -9.37 10.44
N ARG A 341 -8.10 -8.14 10.65
CA ARG A 341 -7.71 -7.34 11.81
C ARG A 341 -6.28 -6.83 11.71
N ALA A 342 -5.60 -7.15 10.60
CA ALA A 342 -4.22 -6.73 10.39
C ALA A 342 -4.10 -5.29 9.86
N TYR A 343 -3.43 -4.44 10.63
CA TYR A 343 -3.10 -3.10 10.18
C TYR A 343 -2.08 -3.09 9.03
N HIS A 344 -2.32 -2.23 8.05
CA HIS A 344 -1.44 -2.12 6.88
C HIS A 344 -1.47 -0.71 6.27
N ALA A 345 -0.33 -0.33 5.69
CA ALA A 345 -0.14 0.97 5.09
C ALA A 345 1.00 0.79 4.12
N GLY A 346 1.27 1.81 3.29
CA GLY A 346 2.39 1.76 2.37
C GLY A 346 2.43 2.94 1.41
N PHE A 347 3.16 2.78 0.32
CA PHE A 347 3.25 3.81 -0.69
C PHE A 347 3.86 3.20 -1.94
N ASN A 348 3.78 3.91 -3.05
CA ASN A 348 4.25 3.40 -4.33
C ASN A 348 5.60 4.00 -4.69
N CYS A 349 6.41 3.24 -5.41
CA CYS A 349 7.73 3.71 -5.80
C CYS A 349 7.72 4.32 -7.19
N GLY A 350 6.55 4.42 -7.77
CA GLY A 350 6.44 5.05 -9.08
C GLY A 350 5.09 4.71 -9.64
N PHE A 351 4.92 5.00 -10.91
CA PHE A 351 3.66 4.79 -11.59
C PHE A 351 3.33 3.31 -11.65
N ASN A 352 2.18 2.94 -11.11
CA ASN A 352 1.75 1.56 -11.13
C ASN A 352 0.23 1.42 -11.09
N CYS A 353 -0.23 0.22 -11.41
CA CYS A 353 -1.63 -0.04 -11.45
C CYS A 353 -1.92 -1.40 -10.83
N ALA A 354 -2.88 -1.39 -9.91
CA ALA A 354 -3.12 -2.53 -9.06
C ALA A 354 -4.61 -2.68 -8.77
N GLU A 355 -5.01 -3.90 -8.43
CA GLU A 355 -6.40 -4.21 -8.16
C GLU A 355 -6.53 -5.05 -6.87
N ALA A 356 -7.55 -4.76 -6.07
CA ALA A 356 -7.72 -5.42 -4.78
C ALA A 356 -9.19 -5.78 -4.50
N VAL A 357 -9.42 -6.90 -3.82
CA VAL A 357 -10.74 -7.25 -3.28
C VAL A 357 -10.67 -7.70 -1.84
N ASN A 358 -11.76 -7.48 -1.11
CA ASN A 358 -11.88 -8.06 0.22
C ASN A 358 -12.47 -9.48 0.18
N VAL A 359 -12.31 -10.21 1.28
CA VAL A 359 -12.84 -11.56 1.35
C VAL A 359 -12.60 -12.15 2.73
N ALA A 360 -13.40 -13.14 3.10
CA ALA A 360 -13.27 -13.82 4.39
C ALA A 360 -12.68 -15.24 4.28
FE FE B . -6.43 -1.86 2.88
C1 AKG C . -6.28 -2.52 0.51
O1 AKG C . -6.52 -2.96 -0.66
O2 AKG C . -5.99 -3.32 1.45
C2 AKG C . -6.39 -1.06 0.75
O5 AKG C . -7.32 -0.62 1.42
C3 AKG C . -5.37 -0.14 0.18
C4 AKG C . -5.77 0.59 -1.09
C5 AKG C . -4.74 1.31 -1.90
O3 AKG C . -3.71 0.69 -2.33
O4 AKG C . -4.91 2.54 -2.17
#